data_2G60
#
_entry.id   2G60
#
_cell.length_a   87.36
_cell.length_b   133.76
_cell.length_c   41.48
_cell.angle_alpha   90
_cell.angle_beta   90
_cell.angle_gamma   90
#
_symmetry.space_group_name_H-M   'P 21 21 2'
#
loop_
_entity.id
_entity.type
_entity.pdbx_description
1 polymer 'anti-FLAG M2 Fab light chain'
2 polymer 'anti-FLAG M2 Fab heavy chain'
3 water water
#
loop_
_entity_poly.entity_id
_entity_poly.type
_entity_poly.pdbx_seq_one_letter_code
_entity_poly.pdbx_strand_id
1 'polypeptide(L)'
;DVLMTQAPLTLPVSLGDQASISCRSSQAIVHANGNTYLEWYLQKPGQSPALLIYKVANRFSGVPDRFSGSGSGTDFTLKI
SRVEAEDLGVYYCFQGAHAPYTFGGGTKLEIKRADAAPTVSIFPPSSEQLTSGGASVVCFLNNFYPKDINVKWKIDGSER
QNGVLNSWTDQDSKDSTYSMSSTLTLTKDEYERHNSYTCEATHKTSTSPIVKSFNR
;
L
2 'polypeptide(L)'
;EVQLQQSGGELAKPGASVKMSCKSSGYTFTAYAIHWAKQAAGAGLEWIGYIAPAAGAAAYNAAFKGKATLAADKSSSTAY
MAAAALTSEDSAVYYCARAAAAGADYWGQGTTLTVSSAKTTPPSVYPLAPGSAAQTNSMVTLGCLVKGYFPEPVTLTWNS
GSLSSGVHTFPAVLQSDLYTLSSSVTVTSSPRPSETVTCNVAHPASSTKVDKKIV
;
H
#
# COMPACT_ATOMS: atom_id res chain seq x y z
N ASP A 1 11.73 -13.17 22.87
CA ASP A 1 10.88 -13.28 21.62
C ASP A 1 11.70 -13.93 20.51
N VAL A 2 11.04 -14.74 19.68
CA VAL A 2 11.70 -15.41 18.54
C VAL A 2 11.94 -14.40 17.41
N LEU A 3 13.20 -14.22 17.04
CA LEU A 3 13.55 -13.27 16.01
C LEU A 3 13.50 -14.07 14.70
N MET A 4 12.92 -13.49 13.63
CA MET A 4 12.82 -14.19 12.33
C MET A 4 13.63 -13.33 11.36
N THR A 5 14.75 -13.90 10.92
CA THR A 5 15.71 -13.22 10.07
C THR A 5 15.48 -13.72 8.66
N GLN A 6 15.11 -12.78 7.82
CA GLN A 6 14.80 -13.12 6.44
C GLN A 6 15.88 -12.66 5.48
N ALA A 7 16.15 -13.47 4.45
CA ALA A 7 17.15 -13.11 3.44
C ALA A 7 16.63 -13.62 2.07
N PRO A 8 16.74 -12.81 1.04
CA PRO A 8 17.33 -11.47 0.96
C PRO A 8 16.40 -10.33 1.31
N LEU A 9 16.93 -9.13 1.44
CA LEU A 9 16.07 -8.00 1.68
C LEU A 9 15.31 -7.66 0.39
N THR A 10 16.01 -7.83 -0.74
CA THR A 10 15.49 -7.54 -2.10
C THR A 10 15.79 -8.70 -2.99
N LEU A 11 14.83 -9.14 -3.79
CA LEU A 11 15.10 -10.25 -4.66
C LEU A 11 14.66 -9.98 -6.11
N PRO A 12 15.55 -9.33 -6.91
CA PRO A 12 15.17 -9.10 -8.32
C PRO A 12 15.30 -10.47 -9.04
N VAL A 13 14.40 -10.82 -9.97
CA VAL A 13 14.47 -12.09 -10.65
C VAL A 13 13.83 -11.95 -12.01
N SER A 14 14.42 -12.61 -13.01
CA SER A 14 13.87 -12.57 -14.38
C SER A 14 12.65 -13.49 -14.50
N LEU A 15 11.70 -13.14 -15.37
CA LEU A 15 10.52 -13.97 -15.52
C LEU A 15 10.91 -15.31 -15.98
N GLY A 16 10.31 -16.34 -15.39
CA GLY A 16 10.64 -17.68 -15.79
C GLY A 16 11.66 -18.35 -14.90
N ASP A 17 12.47 -17.56 -14.23
CA ASP A 17 13.52 -18.11 -13.38
C ASP A 17 12.96 -18.57 -11.99
N GLN A 18 13.81 -19.23 -11.20
CA GLN A 18 13.43 -19.72 -9.87
C GLN A 18 13.92 -18.68 -8.88
N ALA A 19 13.30 -18.67 -7.69
CA ALA A 19 13.68 -17.70 -6.66
C ALA A 19 13.56 -18.41 -5.32
N SER A 20 14.43 -18.01 -4.41
CA SER A 20 14.46 -18.64 -3.14
C SER A 20 14.59 -17.56 -2.03
N ILE A 21 13.83 -17.74 -0.96
CA ILE A 21 13.83 -16.83 0.21
C ILE A 21 14.01 -17.64 1.44
N SER A 22 14.91 -17.20 2.30
CA SER A 22 15.13 -17.98 3.46
C SER A 22 14.71 -17.24 4.69
N CYS A 23 14.41 -18.01 5.70
CA CYS A 23 14.00 -17.46 6.96
C CYS A 23 14.65 -18.32 8.03
N ARG A 24 15.26 -17.66 9.01
CA ARG A 24 15.92 -18.41 10.10
C ARG A 24 15.42 -17.95 11.47
N SER A 25 14.93 -18.85 12.32
CA SER A 25 14.47 -18.38 13.64
C SER A 25 15.63 -18.32 14.66
N SER A 26 15.56 -17.41 15.64
CA SER A 26 16.66 -17.26 16.63
C SER A 26 16.60 -18.31 17.70
N GLN A 27 15.71 -19.27 17.53
CA GLN A 27 15.50 -20.39 18.41
C GLN A 27 14.42 -21.18 17.73
N ALA A 28 14.29 -22.44 18.12
CA ALA A 28 13.35 -23.36 17.55
C ALA A 28 11.86 -22.95 17.62
N ILE A 29 11.12 -23.28 16.57
CA ILE A 29 9.71 -22.94 16.53
C ILE A 29 8.82 -24.18 16.48
N VAL A 30 9.29 -25.22 17.16
CA VAL A 30 8.51 -26.44 17.25
C VAL A 30 7.57 -26.27 18.45
N HIS A 31 6.28 -26.36 18.20
CA HIS A 31 5.26 -26.23 19.23
C HIS A 31 5.23 -27.41 20.21
N ALA A 32 4.72 -27.17 21.41
CA ALA A 32 4.61 -28.21 22.44
C ALA A 32 3.98 -29.47 21.83
N ASN A 33 2.99 -29.31 20.96
CA ASN A 33 2.32 -30.45 20.32
C ASN A 33 3.13 -31.08 19.18
N GLY A 34 4.38 -30.70 19.04
CA GLY A 34 5.21 -31.26 17.97
C GLY A 34 5.00 -30.68 16.58
N ASN A 35 4.14 -29.68 16.47
CA ASN A 35 3.85 -29.02 15.19
C ASN A 35 4.73 -27.79 15.07
N THR A 36 5.10 -27.46 13.83
CA THR A 36 5.90 -26.28 13.53
C THR A 36 5.01 -25.32 12.73
N TYR A 37 4.60 -24.23 13.37
CA TYR A 37 3.70 -23.28 12.72
C TYR A 37 4.42 -22.20 12.01
N LEU A 38 5.06 -22.57 10.95
CA LEU A 38 5.78 -21.59 10.16
C LEU A 38 4.92 -21.33 8.89
N GLU A 39 4.62 -20.06 8.61
CA GLU A 39 3.79 -19.74 7.44
C GLU A 39 4.51 -18.72 6.58
N TRP A 40 4.01 -18.57 5.35
CA TRP A 40 4.56 -17.59 4.45
C TRP A 40 3.37 -16.80 3.90
N TYR A 41 3.55 -15.49 3.83
CA TYR A 41 2.54 -14.55 3.38
C TYR A 41 3.06 -13.62 2.30
N LEU A 42 2.17 -13.21 1.39
CA LEU A 42 2.60 -12.29 0.34
C LEU A 42 1.79 -11.05 0.46
N GLN A 43 2.47 -9.91 0.57
CA GLN A 43 1.85 -8.64 0.66
C GLN A 43 2.05 -7.98 -0.71
N LYS A 44 0.99 -8.02 -1.50
CA LYS A 44 1.05 -7.36 -2.82
C LYS A 44 0.66 -5.88 -2.66
N PRO A 45 1.24 -5.00 -3.50
CA PRO A 45 0.85 -3.58 -3.33
C PRO A 45 -0.68 -3.34 -3.38
N GLY A 46 -1.16 -2.49 -2.48
CA GLY A 46 -2.57 -2.18 -2.38
C GLY A 46 -3.50 -3.29 -1.88
N GLN A 47 -2.94 -4.35 -1.30
CA GLN A 47 -3.82 -5.43 -0.87
C GLN A 47 -3.51 -5.84 0.53
N SER A 48 -4.35 -6.73 1.07
CA SER A 48 -4.11 -7.29 2.41
C SER A 48 -3.16 -8.49 2.23
N PRO A 49 -2.42 -8.88 3.30
CA PRO A 49 -1.52 -10.00 3.15
C PRO A 49 -2.30 -11.20 2.70
N ALA A 50 -1.62 -12.11 2.02
CA ALA A 50 -2.27 -13.30 1.58
C ALA A 50 -1.42 -14.52 1.93
N LEU A 51 -2.07 -15.51 2.54
CA LEU A 51 -1.43 -16.74 2.91
C LEU A 51 -0.97 -17.59 1.71
N LEU A 52 0.26 -18.10 1.77
CA LEU A 52 0.79 -18.98 0.75
C LEU A 52 0.99 -20.41 1.27
N ILE A 53 1.69 -20.49 2.38
CA ILE A 53 2.13 -21.77 2.93
C ILE A 53 1.89 -21.78 4.41
N TYR A 54 1.44 -22.91 4.93
CA TYR A 54 1.29 -23.01 6.38
C TYR A 54 1.95 -24.32 6.80
N LYS A 55 2.25 -24.42 8.09
CA LYS A 55 2.93 -25.60 8.68
C LYS A 55 4.16 -25.98 7.83
N VAL A 56 4.99 -24.98 7.56
CA VAL A 56 6.24 -25.18 6.81
C VAL A 56 6.18 -25.49 5.33
N ALA A 57 5.36 -26.47 4.95
CA ALA A 57 5.36 -26.93 3.56
C ALA A 57 4.04 -27.23 2.91
N ASN A 58 2.95 -26.84 3.52
CA ASN A 58 1.62 -27.10 2.97
C ASN A 58 1.14 -25.88 2.24
N ARG A 59 0.81 -26.05 0.96
CA ARG A 59 0.35 -24.96 0.15
C ARG A 59 -1.12 -24.72 0.47
N PHE A 60 -1.47 -23.45 0.71
CA PHE A 60 -2.84 -23.08 1.04
C PHE A 60 -3.68 -23.23 -0.21
N SER A 61 -4.94 -23.66 -0.05
CA SER A 61 -5.80 -23.83 -1.23
C SER A 61 -5.87 -22.58 -2.11
N GLY A 62 -5.73 -22.79 -3.43
CA GLY A 62 -5.76 -21.68 -4.34
C GLY A 62 -4.36 -21.16 -4.65
N VAL A 63 -3.33 -21.60 -3.94
CA VAL A 63 -1.95 -21.11 -4.24
C VAL A 63 -1.31 -21.88 -5.40
N PRO A 64 -0.83 -21.17 -6.43
CA PRO A 64 -0.19 -21.95 -7.50
C PRO A 64 0.88 -22.95 -7.03
N ASP A 65 0.95 -24.09 -7.72
CA ASP A 65 1.86 -25.15 -7.40
C ASP A 65 3.36 -24.74 -7.55
N ARG A 66 3.61 -23.59 -8.18
CA ARG A 66 5.00 -23.17 -8.33
C ARG A 66 5.62 -22.68 -6.97
N PHE A 67 4.79 -22.57 -5.95
CA PHE A 67 5.20 -22.15 -4.59
C PHE A 67 5.38 -23.37 -3.73
N SER A 68 6.49 -23.44 -3.03
CA SER A 68 6.65 -24.56 -2.14
C SER A 68 7.49 -24.08 -0.98
N GLY A 69 7.33 -24.75 0.15
CA GLY A 69 8.11 -24.35 1.30
C GLY A 69 8.68 -25.59 1.93
N SER A 70 9.82 -25.43 2.57
CA SER A 70 10.47 -26.54 3.19
C SER A 70 11.29 -26.00 4.37
N GLY A 71 11.88 -26.90 5.16
CA GLY A 71 12.73 -26.49 6.26
C GLY A 71 12.35 -27.12 7.55
N SER A 72 13.15 -26.86 8.59
CA SER A 72 12.83 -27.41 9.89
C SER A 72 13.63 -26.68 10.95
N GLY A 73 13.23 -26.86 12.20
CA GLY A 73 13.94 -26.24 13.30
C GLY A 73 13.97 -24.74 13.24
N THR A 74 15.13 -24.22 12.81
CA THR A 74 15.33 -22.81 12.72
C THR A 74 15.59 -22.31 11.29
N ASP A 75 15.51 -23.19 10.32
CA ASP A 75 15.82 -22.79 8.95
C ASP A 75 14.75 -23.18 7.94
N PHE A 76 14.20 -22.18 7.25
CA PHE A 76 13.07 -22.42 6.35
C PHE A 76 13.24 -21.70 5.03
N THR A 77 12.68 -22.26 3.97
CA THR A 77 12.81 -21.67 2.66
C THR A 77 11.52 -21.66 1.88
N LEU A 78 11.28 -20.56 1.18
CA LEU A 78 10.13 -20.50 0.28
C LEU A 78 10.77 -20.52 -1.11
N LYS A 79 10.28 -21.44 -1.94
CA LYS A 79 10.73 -21.58 -3.29
C LYS A 79 9.66 -21.11 -4.28
N ILE A 80 10.03 -20.34 -5.27
CA ILE A 80 9.03 -19.97 -6.27
C ILE A 80 9.66 -20.44 -7.59
N SER A 81 9.07 -21.45 -8.23
CA SER A 81 9.58 -21.91 -9.51
C SER A 81 8.86 -21.13 -10.61
N ARG A 82 9.48 -21.02 -11.77
CA ARG A 82 8.95 -20.30 -12.91
C ARG A 82 8.23 -18.99 -12.55
N VAL A 83 8.92 -18.11 -11.85
CA VAL A 83 8.40 -16.81 -11.45
C VAL A 83 7.56 -16.08 -12.50
N GLU A 84 6.40 -15.56 -12.10
CA GLU A 84 5.55 -14.80 -13.00
C GLU A 84 5.45 -13.37 -12.47
N ALA A 85 5.11 -12.43 -13.33
CA ALA A 85 5.04 -11.05 -12.93
C ALA A 85 4.08 -10.74 -11.79
N GLU A 86 2.98 -11.50 -11.70
CA GLU A 86 1.98 -11.32 -10.66
C GLU A 86 2.49 -11.70 -9.24
N ASP A 87 3.71 -12.25 -9.19
CA ASP A 87 4.39 -12.69 -7.95
C ASP A 87 5.12 -11.57 -7.18
N LEU A 88 5.14 -10.35 -7.74
CA LEU A 88 5.75 -9.14 -7.18
C LEU A 88 5.12 -8.81 -5.83
N GLY A 89 5.91 -8.24 -4.94
CA GLY A 89 5.37 -7.82 -3.65
C GLY A 89 6.38 -8.15 -2.53
N VAL A 90 5.96 -8.05 -1.26
CA VAL A 90 6.85 -8.34 -0.12
C VAL A 90 6.41 -9.65 0.50
N TYR A 91 7.32 -10.60 0.61
CA TYR A 91 7.02 -11.91 1.18
C TYR A 91 7.46 -11.87 2.64
N TYR A 92 6.65 -12.41 3.54
CA TYR A 92 7.07 -12.47 4.97
C TYR A 92 6.93 -13.88 5.50
N CYS A 93 7.93 -14.37 6.25
CA CYS A 93 7.72 -15.66 6.95
C CYS A 93 7.09 -15.19 8.28
N PHE A 94 6.54 -16.15 9.02
CA PHE A 94 5.85 -15.92 10.27
C PHE A 94 5.84 -17.20 11.10
N GLN A 95 6.15 -17.09 12.41
CA GLN A 95 6.09 -18.27 13.31
C GLN A 95 4.93 -18.05 14.27
N GLY A 96 4.01 -19.02 14.29
CA GLY A 96 2.85 -18.97 15.14
C GLY A 96 2.94 -20.02 16.24
N ALA A 97 4.16 -20.39 16.60
CA ALA A 97 4.38 -21.38 17.62
C ALA A 97 4.49 -20.80 19.03
N HIS A 98 5.33 -19.79 19.20
CA HIS A 98 5.58 -19.18 20.49
C HIS A 98 5.16 -17.69 20.58
N ALA A 99 4.39 -17.35 21.61
CA ALA A 99 3.94 -16.01 21.83
C ALA A 99 5.14 -15.20 22.34
N PRO A 100 5.36 -13.98 21.87
CA PRO A 100 4.54 -13.28 20.88
C PRO A 100 4.86 -13.77 19.47
N TYR A 101 3.81 -13.98 18.66
CA TYR A 101 4.12 -14.45 17.31
C TYR A 101 4.86 -13.36 16.60
N THR A 102 5.77 -13.74 15.71
CA THR A 102 6.60 -12.73 15.05
C THR A 102 6.79 -13.02 13.56
N PHE A 103 6.97 -11.93 12.81
CA PHE A 103 7.18 -11.98 11.37
C PHE A 103 8.63 -11.73 11.01
N GLY A 104 9.07 -12.25 9.86
CA GLY A 104 10.38 -11.88 9.37
C GLY A 104 10.32 -10.38 8.94
N GLY A 105 11.48 -9.80 8.57
CA GLY A 105 11.55 -8.44 8.14
C GLY A 105 11.01 -8.21 6.73
N GLY A 106 10.73 -9.28 5.99
CA GLY A 106 10.19 -9.12 4.66
C GLY A 106 11.26 -9.16 3.56
N THR A 107 10.84 -9.60 2.38
CA THR A 107 11.69 -9.67 1.21
C THR A 107 10.88 -9.14 0.07
N LYS A 108 11.39 -8.06 -0.55
CA LYS A 108 10.71 -7.50 -1.68
C LYS A 108 11.12 -8.18 -2.95
N LEU A 109 10.20 -8.93 -3.57
CA LEU A 109 10.49 -9.61 -4.80
C LEU A 109 10.24 -8.61 -5.94
N GLU A 110 11.21 -8.44 -6.84
CA GLU A 110 11.05 -7.48 -7.95
C GLU A 110 11.34 -8.23 -9.27
N ILE A 111 10.58 -7.92 -10.32
CA ILE A 111 10.77 -8.60 -11.60
C ILE A 111 11.83 -7.85 -12.40
N LYS A 112 12.80 -8.59 -12.94
CA LYS A 112 13.82 -7.91 -13.72
C LYS A 112 13.36 -8.09 -15.15
N ARG A 113 13.24 -6.96 -15.80
CA ARG A 113 12.80 -6.84 -17.16
C ARG A 113 13.80 -6.03 -17.98
N ALA A 114 13.54 -5.96 -19.28
CA ALA A 114 14.36 -5.18 -20.21
C ALA A 114 14.21 -3.74 -19.80
N ASP A 115 15.30 -2.99 -19.88
CA ASP A 115 15.21 -1.57 -19.51
C ASP A 115 14.19 -0.96 -20.46
N ALA A 116 13.36 -0.03 -19.95
CA ALA A 116 12.40 0.66 -20.79
C ALA A 116 12.48 2.10 -20.40
N ALA A 117 12.38 2.94 -21.42
CA ALA A 117 12.44 4.38 -21.25
C ALA A 117 11.08 4.88 -20.71
N PRO A 118 11.11 5.96 -19.92
CA PRO A 118 9.82 6.43 -19.41
C PRO A 118 9.03 7.16 -20.47
N THR A 119 7.72 7.27 -20.26
CA THR A 119 6.80 8.03 -21.10
C THR A 119 6.55 9.29 -20.24
N VAL A 120 6.98 10.46 -20.74
CA VAL A 120 6.89 11.75 -20.02
C VAL A 120 5.80 12.72 -20.46
N SER A 121 5.05 13.21 -19.49
CA SER A 121 3.96 14.13 -19.77
C SER A 121 3.97 15.26 -18.73
N ILE A 122 3.31 16.38 -19.08
CA ILE A 122 3.23 17.51 -18.16
C ILE A 122 1.85 18.16 -18.28
N PHE A 123 1.33 18.65 -17.15
CA PHE A 123 0.01 19.27 -17.08
C PHE A 123 0.01 20.58 -16.29
N PRO A 124 -0.42 21.67 -16.92
CA PRO A 124 -0.44 22.96 -16.22
C PRO A 124 -1.56 22.95 -15.19
N PRO A 125 -1.56 23.94 -14.27
CA PRO A 125 -2.63 23.97 -13.26
C PRO A 125 -3.97 24.07 -13.97
N SER A 126 -5.00 23.53 -13.35
CA SER A 126 -6.37 23.54 -13.88
C SER A 126 -7.09 24.81 -13.47
N SER A 127 -7.97 25.31 -14.31
CA SER A 127 -8.68 26.54 -13.99
C SER A 127 -9.23 26.49 -12.56
N GLU A 128 -10.10 25.51 -12.29
CA GLU A 128 -10.71 25.37 -10.97
C GLU A 128 -9.70 25.56 -9.86
N GLN A 129 -8.51 25.01 -10.00
CA GLN A 129 -7.51 25.21 -8.94
C GLN A 129 -7.07 26.68 -8.82
N LEU A 130 -6.52 27.23 -9.90
CA LEU A 130 -6.04 28.62 -9.88
C LEU A 130 -6.94 29.60 -9.12
N THR A 131 -8.21 29.62 -9.46
CA THR A 131 -9.17 30.50 -8.78
C THR A 131 -8.81 30.55 -7.28
N SER A 132 -8.63 29.35 -6.71
CA SER A 132 -8.28 29.16 -5.32
C SER A 132 -7.07 29.95 -4.87
N GLY A 133 -6.02 29.96 -5.68
CA GLY A 133 -4.84 30.71 -5.29
C GLY A 133 -3.59 29.85 -5.31
N GLY A 134 -3.75 28.64 -5.83
CA GLY A 134 -2.65 27.70 -5.95
C GLY A 134 -2.39 27.44 -7.42
N ALA A 135 -1.21 26.92 -7.70
CA ALA A 135 -0.80 26.62 -9.06
C ALA A 135 0.08 25.36 -9.02
N SER A 136 -0.50 24.23 -9.41
CA SER A 136 0.27 22.99 -9.42
C SER A 136 0.69 22.54 -10.82
N VAL A 137 1.99 22.35 -11.01
CA VAL A 137 2.52 21.87 -12.28
C VAL A 137 2.84 20.36 -12.14
N VAL A 138 2.09 19.54 -12.86
CA VAL A 138 2.25 18.07 -12.77
C VAL A 138 3.00 17.29 -13.88
N CYS A 139 4.00 16.51 -13.47
CA CYS A 139 4.73 15.72 -14.45
C CYS A 139 4.66 14.20 -14.16
N PHE A 140 4.16 13.45 -15.15
CA PHE A 140 4.10 11.99 -15.06
C PHE A 140 5.20 11.31 -15.87
N LEU A 141 5.93 10.41 -15.22
CA LEU A 141 6.96 9.63 -15.91
C LEU A 141 6.47 8.18 -15.76
N ASN A 142 5.65 7.76 -16.71
CA ASN A 142 5.03 6.44 -16.73
C ASN A 142 5.78 5.29 -17.43
N ASN A 143 5.59 4.08 -16.90
CA ASN A 143 6.15 2.81 -17.40
C ASN A 143 7.63 2.66 -17.78
N PHE A 144 8.54 2.80 -16.81
CA PHE A 144 9.95 2.65 -17.12
C PHE A 144 10.57 1.58 -16.24
N TYR A 145 11.80 1.18 -16.57
CA TYR A 145 12.57 0.20 -15.77
C TYR A 145 14.05 0.47 -16.13
N PRO A 146 14.93 0.39 -15.12
CA PRO A 146 14.57 0.06 -13.74
C PRO A 146 13.99 1.27 -12.96
N LYS A 147 13.79 1.04 -11.66
CA LYS A 147 13.20 2.01 -10.73
C LYS A 147 13.83 3.40 -10.72
N ASP A 148 15.16 3.44 -10.73
CA ASP A 148 15.84 4.71 -10.72
C ASP A 148 15.61 5.57 -11.95
N ILE A 149 15.36 6.84 -11.69
CA ILE A 149 15.13 7.81 -12.74
C ILE A 149 15.34 9.18 -12.12
N ASN A 150 15.61 10.15 -12.97
CA ASN A 150 15.88 11.48 -12.50
C ASN A 150 14.90 12.46 -13.12
N VAL A 151 14.64 13.56 -12.41
CA VAL A 151 13.75 14.62 -12.87
C VAL A 151 14.24 15.96 -12.31
N LYS A 152 14.25 16.98 -13.16
CA LYS A 152 14.72 18.32 -12.81
C LYS A 152 13.79 19.40 -13.40
N TRP A 153 13.30 20.31 -12.55
CA TRP A 153 12.39 21.38 -12.98
C TRP A 153 13.06 22.72 -13.21
N LYS A 154 12.84 23.31 -14.38
CA LYS A 154 13.42 24.61 -14.70
C LYS A 154 12.39 25.63 -15.22
N ILE A 155 12.37 26.82 -14.63
CA ILE A 155 11.45 27.85 -15.05
C ILE A 155 12.20 28.75 -16.05
N ASP A 156 11.63 28.91 -17.24
CA ASP A 156 12.25 29.72 -18.28
C ASP A 156 13.74 29.41 -18.38
N GLY A 157 14.11 28.17 -18.05
CA GLY A 157 15.50 27.78 -18.12
C GLY A 157 16.26 27.61 -16.80
N SER A 158 15.77 28.27 -15.75
CA SER A 158 16.42 28.17 -14.45
C SER A 158 15.81 27.04 -13.62
N GLU A 159 16.66 26.17 -13.08
CA GLU A 159 16.19 25.05 -12.27
C GLU A 159 15.31 25.49 -11.10
N ARG A 160 14.71 24.52 -10.42
CA ARG A 160 13.84 24.78 -9.29
C ARG A 160 13.64 23.51 -8.49
N GLN A 161 14.51 23.29 -7.49
CA GLN A 161 14.42 22.08 -6.67
C GLN A 161 13.55 22.19 -5.43
N ASN A 162 13.34 23.39 -4.92
CA ASN A 162 12.46 23.52 -3.77
C ASN A 162 11.04 23.76 -4.29
N GLY A 163 10.09 23.06 -3.68
CA GLY A 163 8.71 23.16 -4.07
C GLY A 163 8.27 21.93 -4.83
N VAL A 164 9.23 21.16 -5.36
CA VAL A 164 8.94 19.95 -6.13
C VAL A 164 9.00 18.65 -5.34
N LEU A 165 7.87 17.95 -5.25
CA LEU A 165 7.81 16.65 -4.55
C LEU A 165 7.54 15.52 -5.53
N ASN A 166 8.19 14.39 -5.27
CA ASN A 166 8.10 13.22 -6.13
C ASN A 166 7.55 11.97 -5.44
N SER A 167 6.75 11.22 -6.21
CA SER A 167 6.16 9.98 -5.72
C SER A 167 6.30 8.83 -6.74
N TRP A 168 6.88 7.71 -6.29
CA TRP A 168 7.08 6.54 -7.16
C TRP A 168 6.00 5.51 -6.88
N THR A 169 5.56 4.78 -7.91
CA THR A 169 4.61 3.73 -7.71
C THR A 169 5.43 2.45 -7.44
N ASP A 170 4.78 1.41 -6.96
CA ASP A 170 5.43 0.14 -6.76
C ASP A 170 5.48 -0.44 -8.19
N GLN A 171 6.17 -1.55 -8.35
CA GLN A 171 6.29 -2.17 -9.64
C GLN A 171 4.92 -2.65 -10.12
N ASP A 172 4.69 -2.57 -11.41
CA ASP A 172 3.39 -2.91 -11.97
C ASP A 172 3.26 -4.36 -12.24
N SER A 173 2.23 -4.98 -11.67
CA SER A 173 2.03 -6.41 -11.84
C SER A 173 1.74 -6.85 -13.26
N LYS A 174 1.39 -5.90 -14.14
CA LYS A 174 1.08 -6.25 -15.52
C LYS A 174 2.28 -6.19 -16.43
N ASP A 175 3.07 -5.12 -16.37
CA ASP A 175 4.21 -5.09 -17.26
C ASP A 175 5.54 -4.94 -16.59
N SER A 176 5.58 -5.02 -15.25
CA SER A 176 6.84 -4.94 -14.51
C SER A 176 7.57 -3.61 -14.70
N THR A 177 6.80 -2.55 -14.99
CA THR A 177 7.35 -1.21 -15.18
C THR A 177 7.05 -0.41 -13.92
N TYR A 178 7.82 0.66 -13.73
CA TYR A 178 7.69 1.58 -12.61
C TYR A 178 7.19 2.88 -13.21
N SER A 179 6.53 3.71 -12.40
CA SER A 179 6.05 5.01 -12.88
C SER A 179 6.27 6.04 -11.74
N MET A 180 6.38 7.31 -12.06
CA MET A 180 6.54 8.29 -11.01
C MET A 180 5.83 9.59 -11.38
N SER A 181 5.57 10.37 -10.33
CA SER A 181 4.90 11.64 -10.45
C SER A 181 5.72 12.67 -9.69
N SER A 182 6.01 13.76 -10.37
CA SER A 182 6.78 14.81 -9.76
C SER A 182 5.84 16.01 -9.84
N THR A 183 5.71 16.71 -8.71
CA THR A 183 4.83 17.86 -8.61
C THR A 183 5.54 19.10 -8.09
N LEU A 184 5.63 20.13 -8.92
CA LEU A 184 6.29 21.35 -8.47
C LEU A 184 5.19 22.28 -8.14
N THR A 185 5.07 22.56 -6.86
CA THR A 185 4.06 23.45 -6.31
C THR A 185 4.69 24.81 -6.13
N LEU A 186 3.99 25.83 -6.65
CA LEU A 186 4.43 27.20 -6.55
C LEU A 186 3.14 27.95 -6.28
N THR A 187 3.24 29.24 -5.94
CA THR A 187 2.05 30.05 -5.65
C THR A 187 1.37 30.56 -6.93
N LYS A 188 0.06 30.80 -6.86
CA LYS A 188 -0.72 31.28 -7.98
C LYS A 188 -0.15 32.57 -8.53
N ASP A 189 0.40 33.39 -7.64
CA ASP A 189 0.99 34.67 -8.02
C ASP A 189 2.31 34.51 -8.77
N GLU A 190 3.22 33.66 -8.25
CA GLU A 190 4.50 33.48 -8.93
C GLU A 190 4.35 32.67 -10.21
N TYR A 191 3.28 31.91 -10.30
CA TYR A 191 3.01 31.10 -11.49
C TYR A 191 2.71 32.04 -12.66
N GLU A 192 2.13 33.19 -12.35
CA GLU A 192 1.77 34.17 -13.37
C GLU A 192 2.90 35.03 -13.95
N ARG A 193 4.00 35.18 -13.22
CA ARG A 193 5.14 35.99 -13.67
C ARG A 193 6.26 35.15 -14.32
N HIS A 194 5.89 34.02 -14.87
CA HIS A 194 6.84 33.14 -15.51
C HIS A 194 6.25 32.57 -16.79
N ASN A 195 7.09 32.18 -17.73
CA ASN A 195 6.57 31.67 -19.00
C ASN A 195 6.69 30.16 -19.22
N SER A 196 7.85 29.70 -19.63
CA SER A 196 8.01 28.28 -19.87
C SER A 196 8.25 27.51 -18.59
N TYR A 197 7.78 26.27 -18.58
CA TYR A 197 7.98 25.42 -17.43
C TYR A 197 8.54 24.15 -18.00
N THR A 198 9.60 23.62 -17.39
CA THR A 198 10.19 22.43 -17.91
C THR A 198 10.32 21.28 -16.91
N CYS A 199 10.15 20.07 -17.44
CA CYS A 199 10.27 18.83 -16.69
C CYS A 199 11.19 17.94 -17.50
N GLU A 200 12.29 17.54 -16.89
CA GLU A 200 13.28 16.68 -17.53
C GLU A 200 13.24 15.29 -16.86
N ALA A 201 13.72 14.27 -17.58
CA ALA A 201 13.76 12.89 -17.07
C ALA A 201 14.99 12.18 -17.61
N THR A 202 15.94 11.88 -16.73
CA THR A 202 17.18 11.22 -17.11
C THR A 202 17.21 9.76 -16.64
N HIS A 203 16.96 8.83 -17.57
CA HIS A 203 16.93 7.42 -17.20
C HIS A 203 18.22 6.65 -17.52
N LYS A 204 18.11 5.33 -17.59
CA LYS A 204 19.24 4.45 -17.89
C LYS A 204 19.09 3.89 -19.30
N THR A 205 17.98 4.23 -19.96
CA THR A 205 17.69 3.76 -21.30
C THR A 205 18.41 4.59 -22.37
N SER A 206 17.95 5.80 -22.60
CA SER A 206 18.56 6.68 -23.58
C SER A 206 19.41 7.72 -22.89
N THR A 207 20.60 7.98 -23.42
CA THR A 207 21.51 8.95 -22.82
C THR A 207 21.14 10.35 -23.28
N SER A 208 19.97 10.44 -23.91
CA SER A 208 19.44 11.69 -24.41
C SER A 208 18.25 12.11 -23.54
N PRO A 209 18.36 13.24 -22.82
CA PRO A 209 17.31 13.77 -21.95
C PRO A 209 15.89 13.72 -22.51
N ILE A 210 14.92 13.62 -21.61
CA ILE A 210 13.51 13.54 -21.96
C ILE A 210 12.78 14.77 -21.39
N VAL A 211 12.60 15.78 -22.24
CA VAL A 211 11.95 17.03 -21.85
C VAL A 211 10.53 17.22 -22.39
N LYS A 212 9.65 17.69 -21.52
CA LYS A 212 8.27 17.99 -21.84
C LYS A 212 8.02 19.34 -21.21
N SER A 213 7.36 20.25 -21.92
CA SER A 213 7.12 21.58 -21.40
C SER A 213 5.88 22.29 -21.94
N GLU B 1 -20.30 -15.28 1.90
CA GLU B 1 -18.89 -15.77 1.99
C GLU B 1 -18.19 -15.17 3.23
N VAL B 2 -16.97 -15.64 3.49
CA VAL B 2 -16.22 -15.10 4.63
C VAL B 2 -15.74 -13.72 4.31
N GLN B 3 -16.02 -12.80 5.23
CA GLN B 3 -15.57 -11.40 5.08
C GLN B 3 -15.23 -10.87 6.47
N LEU B 4 -14.15 -10.10 6.57
CA LEU B 4 -13.81 -9.41 7.84
C LEU B 4 -13.83 -7.92 7.38
N GLN B 5 -14.78 -7.18 7.89
CA GLN B 5 -14.94 -5.80 7.47
C GLN B 5 -14.48 -4.86 8.56
N GLN B 6 -13.51 -4.06 8.22
CA GLN B 6 -13.00 -3.10 9.17
C GLN B 6 -13.45 -1.72 8.77
N SER B 7 -12.70 -0.71 9.22
CA SER B 7 -12.97 0.62 8.82
C SER B 7 -11.67 1.10 8.31
N GLY B 8 -11.59 1.44 7.04
CA GLY B 8 -10.32 1.85 6.55
C GLY B 8 -9.70 3.11 7.17
N GLY B 9 -10.47 4.01 7.86
CA GLY B 9 -9.73 5.15 8.42
C GLY B 9 -10.26 5.96 9.58
N GLU B 10 -9.41 6.19 10.58
CA GLU B 10 -9.81 7.05 11.67
C GLU B 10 -8.66 7.90 12.20
N LEU B 11 -9.03 9.07 12.70
CA LEU B 11 -8.07 10.02 13.27
C LEU B 11 -8.25 10.00 14.80
N ALA B 12 -7.21 10.04 15.62
CA ALA B 12 -7.51 10.11 17.06
C ALA B 12 -6.41 11.05 17.59
N LYS B 13 -6.71 11.78 18.66
CA LYS B 13 -5.78 12.73 19.26
C LYS B 13 -4.73 12.08 20.11
N PRO B 14 -3.54 12.69 20.22
CA PRO B 14 -2.50 12.09 21.04
C PRO B 14 -3.05 11.98 22.48
N GLY B 15 -2.66 10.97 23.22
CA GLY B 15 -3.19 10.79 24.55
C GLY B 15 -4.60 10.15 24.62
N ALA B 16 -5.42 10.25 23.58
CA ALA B 16 -6.79 9.69 23.59
C ALA B 16 -6.80 8.14 23.38
N SER B 17 -7.99 7.58 23.19
CA SER B 17 -8.11 6.13 22.97
C SER B 17 -8.89 5.94 21.69
N VAL B 18 -8.73 4.79 21.06
CA VAL B 18 -9.49 4.52 19.86
C VAL B 18 -9.86 3.07 19.88
N LYS B 19 -11.08 2.76 19.47
CA LYS B 19 -11.52 1.33 19.46
C LYS B 19 -11.87 0.97 18.02
N MET B 20 -11.13 0.04 17.43
CA MET B 20 -11.32 -0.32 16.05
C MET B 20 -12.13 -1.62 16.02
N SER B 21 -12.99 -1.81 15.01
CA SER B 21 -13.82 -3.01 15.00
C SER B 21 -13.52 -3.85 13.75
N CYS B 22 -13.84 -5.15 13.85
CA CYS B 22 -13.59 -6.05 12.73
C CYS B 22 -14.86 -6.87 12.78
N LYS B 23 -15.74 -6.62 11.83
CA LYS B 23 -16.99 -7.36 11.82
C LYS B 23 -16.84 -8.56 10.86
N SER B 24 -16.98 -9.73 11.44
CA SER B 24 -16.89 -10.91 10.64
C SER B 24 -18.27 -11.35 10.15
N SER B 25 -18.27 -12.03 9.01
CA SER B 25 -19.53 -12.59 8.55
C SER B 25 -19.11 -13.78 7.66
N GLY B 26 -20.09 -14.65 7.35
CA GLY B 26 -19.88 -15.74 6.43
C GLY B 26 -19.44 -17.05 7.04
N TYR B 27 -19.27 -17.06 8.37
CA TYR B 27 -18.86 -18.28 9.08
C TYR B 27 -19.29 -18.24 10.56
N THR B 28 -19.00 -19.28 11.34
CA THR B 28 -19.41 -19.24 12.73
C THR B 28 -18.34 -18.52 13.52
N PHE B 29 -18.73 -17.34 13.95
CA PHE B 29 -17.80 -16.40 14.56
C PHE B 29 -17.04 -16.96 15.73
N THR B 30 -17.73 -17.69 16.61
CA THR B 30 -17.03 -18.22 17.77
C THR B 30 -16.02 -19.31 17.51
N ALA B 31 -16.07 -19.95 16.35
CA ALA B 31 -15.13 -21.03 16.10
C ALA B 31 -13.69 -20.69 15.67
N TYR B 32 -13.40 -19.42 15.36
CA TYR B 32 -12.01 -19.07 14.96
C TYR B 32 -11.52 -17.91 15.86
N ALA B 33 -10.23 -17.86 16.08
CA ALA B 33 -9.69 -16.73 16.83
C ALA B 33 -9.45 -15.56 15.82
N ILE B 34 -9.54 -14.35 16.33
CA ILE B 34 -9.31 -13.14 15.49
C ILE B 34 -8.01 -12.50 15.98
N HIS B 35 -7.08 -12.23 15.06
CA HIS B 35 -5.78 -11.67 15.43
C HIS B 35 -5.66 -10.27 14.87
N TRP B 36 -4.77 -9.43 15.47
CA TRP B 36 -4.55 -8.04 14.98
C TRP B 36 -3.09 -7.86 14.67
N ALA B 37 -2.85 -7.28 13.51
CA ALA B 37 -1.52 -7.07 12.94
C ALA B 37 -1.34 -5.62 12.55
N LYS B 38 -0.17 -5.07 12.90
CA LYS B 38 0.18 -3.68 12.68
C LYS B 38 1.27 -3.59 11.59
N GLN B 39 1.11 -2.62 10.68
CA GLN B 39 2.06 -2.36 9.61
C GLN B 39 2.31 -0.85 9.55
N ALA B 40 3.46 -0.42 10.04
CA ALA B 40 3.76 1.02 9.99
C ALA B 40 4.33 1.43 8.60
N ALA B 41 4.41 2.71 8.29
CA ALA B 41 4.95 2.97 6.95
C ALA B 41 6.32 2.35 6.61
N GLY B 42 6.99 1.70 7.57
CA GLY B 42 8.29 1.07 7.30
C GLY B 42 8.88 0.39 8.52
N ALA B 43 8.19 -0.65 8.99
CA ALA B 43 8.55 -1.40 10.18
C ALA B 43 8.22 -2.89 10.00
N GLY B 44 7.82 -3.27 8.78
CA GLY B 44 7.46 -4.68 8.55
C GLY B 44 6.10 -4.97 9.21
N LEU B 45 5.78 -6.22 9.55
CA LEU B 45 4.48 -6.49 10.20
C LEU B 45 4.75 -6.89 11.62
N GLU B 46 3.84 -6.53 12.53
CA GLU B 46 3.98 -6.84 13.96
C GLU B 46 2.67 -7.45 14.45
N TRP B 47 2.79 -8.56 15.15
CA TRP B 47 1.58 -9.22 15.70
C TRP B 47 1.21 -8.53 17.04
N ILE B 48 -0.02 -8.01 17.14
CA ILE B 48 -0.48 -7.29 18.36
C ILE B 48 -1.12 -8.23 19.40
N GLY B 49 -1.88 -9.21 18.95
CA GLY B 49 -2.54 -10.14 19.86
C GLY B 49 -3.72 -10.85 19.19
N TYR B 50 -4.41 -11.72 19.91
CA TYR B 50 -5.58 -12.39 19.37
C TYR B 50 -6.64 -12.50 20.47
N ILE B 51 -7.88 -12.73 20.05
CA ILE B 51 -8.92 -12.97 21.03
C ILE B 51 -9.70 -14.20 20.52
N ALA B 52 -10.02 -15.11 21.44
CA ALA B 52 -10.73 -16.33 21.19
C ALA B 52 -12.13 -16.00 21.69
N PRO B 53 -13.08 -15.80 20.76
CA PRO B 53 -14.46 -15.44 21.12
C PRO B 53 -15.18 -16.57 21.83
N ALA B 54 -14.78 -17.80 21.52
CA ALA B 54 -15.40 -18.92 22.19
C ALA B 54 -15.09 -18.90 23.69
N ALA B 55 -13.82 -18.85 24.05
CA ALA B 55 -13.41 -18.82 25.47
C ALA B 55 -13.35 -17.42 26.14
N GLY B 56 -13.12 -16.38 25.35
CA GLY B 56 -13.04 -15.06 25.93
C GLY B 56 -11.61 -14.63 26.17
N ALA B 57 -10.71 -15.59 26.02
CA ALA B 57 -9.30 -15.33 26.23
C ALA B 57 -8.64 -14.49 25.13
N ALA B 58 -7.97 -13.40 25.53
CA ALA B 58 -7.17 -12.57 24.62
C ALA B 58 -5.68 -12.73 25.05
N ALA B 59 -4.82 -12.97 24.06
CA ALA B 59 -3.35 -13.06 24.27
C ALA B 59 -2.75 -11.75 23.72
N TYR B 60 -1.70 -11.24 24.38
CA TYR B 60 -1.13 -9.95 23.95
C TYR B 60 0.35 -10.00 23.73
N ASN B 61 0.84 -9.17 22.81
CA ASN B 61 2.27 -9.02 22.57
C ASN B 61 2.61 -8.16 23.79
N ALA B 62 3.41 -8.68 24.68
CA ALA B 62 3.71 -7.95 25.88
C ALA B 62 4.32 -6.62 25.60
N ALA B 63 4.81 -6.42 24.36
CA ALA B 63 5.43 -5.15 24.04
C ALA B 63 4.36 -4.06 23.94
N PHE B 64 3.07 -4.43 23.81
CA PHE B 64 1.99 -3.43 23.69
C PHE B 64 0.80 -3.62 24.69
N LYS B 65 0.89 -4.61 25.57
CA LYS B 65 -0.18 -4.93 26.47
C LYS B 65 -0.67 -3.79 27.36
N GLY B 66 0.16 -2.81 27.69
CA GLY B 66 -0.31 -1.70 28.53
C GLY B 66 -1.12 -0.60 27.82
N LYS B 67 -1.16 -0.65 26.49
CA LYS B 67 -1.93 0.30 25.70
C LYS B 67 -2.98 -0.41 24.76
N ALA B 68 -3.18 -1.70 24.96
CA ALA B 68 -4.07 -2.48 24.07
C ALA B 68 -5.02 -3.35 24.83
N THR B 69 -6.28 -3.37 24.41
CA THR B 69 -7.26 -4.25 24.99
C THR B 69 -8.08 -4.87 23.82
N LEU B 70 -8.22 -6.19 23.80
CA LEU B 70 -8.98 -6.88 22.75
C LEU B 70 -10.28 -7.44 23.38
N ALA B 71 -11.39 -7.38 22.62
CA ALA B 71 -12.69 -7.88 23.10
C ALA B 71 -13.41 -8.45 21.88
N ALA B 72 -14.53 -9.09 22.13
CA ALA B 72 -15.27 -9.70 21.06
C ALA B 72 -16.69 -9.78 21.56
N ASP B 73 -17.63 -9.54 20.66
CA ASP B 73 -19.08 -9.61 20.97
C ASP B 73 -19.69 -10.64 19.99
N LYS B 74 -19.86 -11.85 20.49
CA LYS B 74 -20.40 -12.92 19.66
C LYS B 74 -21.74 -12.55 19.03
N SER B 75 -22.60 -11.91 19.80
CA SER B 75 -23.93 -11.51 19.29
C SER B 75 -23.88 -10.66 18.02
N SER B 76 -22.85 -9.84 17.82
CA SER B 76 -22.80 -9.07 16.59
C SER B 76 -21.60 -9.51 15.73
N SER B 77 -20.99 -10.63 16.07
CA SER B 77 -19.84 -11.20 15.35
C SER B 77 -18.76 -10.17 15.09
N THR B 78 -18.53 -9.34 16.13
CA THR B 78 -17.50 -8.30 16.00
C THR B 78 -16.42 -8.45 17.07
N ALA B 79 -15.17 -8.21 16.64
CA ALA B 79 -13.96 -8.25 17.45
C ALA B 79 -13.52 -6.79 17.47
N TYR B 80 -13.02 -6.37 18.65
CA TYR B 80 -12.54 -5.03 18.77
C TYR B 80 -11.12 -4.95 19.32
N MET B 81 -10.42 -3.89 18.91
CA MET B 81 -9.09 -3.61 19.43
C MET B 81 -9.14 -2.18 19.91
N ALA B 82 -8.94 -1.98 21.22
CA ALA B 82 -8.92 -0.63 21.76
C ALA B 82 -7.47 -0.31 22.19
N ALA B 83 -6.93 0.78 21.66
CA ALA B 83 -5.59 1.26 21.95
C ALA B 83 -5.76 2.53 22.83
N ALA B 84 -5.00 2.57 23.91
CA ALA B 84 -5.11 3.74 24.79
C ALA B 84 -3.74 4.48 24.81
N ALA B 85 -3.71 5.71 25.33
CA ALA B 85 -2.44 6.44 25.46
C ALA B 85 -1.75 6.58 24.11
N LEU B 86 -2.52 6.98 23.11
CA LEU B 86 -2.02 7.09 21.77
C LEU B 86 -0.88 8.10 21.57
N THR B 87 0.15 7.68 20.85
CA THR B 87 1.21 8.58 20.41
C THR B 87 1.35 8.47 18.90
N SER B 88 2.12 9.38 18.28
CA SER B 88 2.25 9.29 16.83
C SER B 88 2.89 7.93 16.45
N GLU B 89 3.59 7.27 17.36
CA GLU B 89 4.19 5.99 16.97
C GLU B 89 3.09 4.94 16.76
N ASP B 90 1.87 5.25 17.18
CA ASP B 90 0.78 4.29 16.99
C ASP B 90 0.15 4.33 15.63
N SER B 91 0.44 5.39 14.84
CA SER B 91 -0.09 5.63 13.46
C SER B 91 0.41 4.48 12.60
N ALA B 92 -0.51 3.81 11.89
CA ALA B 92 -0.18 2.66 11.08
C ALA B 92 -1.47 2.13 10.49
N VAL B 93 -1.30 1.10 9.65
CA VAL B 93 -2.45 0.39 9.13
C VAL B 93 -2.52 -0.89 10.07
N TYR B 94 -3.73 -1.26 10.53
CA TYR B 94 -3.96 -2.37 11.44
C TYR B 94 -4.93 -3.29 10.69
N TYR B 95 -4.62 -4.54 10.75
CA TYR B 95 -5.52 -5.50 10.05
C TYR B 95 -5.98 -6.46 11.08
N CYS B 96 -7.19 -6.99 10.86
CA CYS B 96 -7.61 -8.12 11.67
C CYS B 96 -7.53 -9.31 10.71
N ALA B 97 -7.41 -10.51 11.26
CA ALA B 97 -7.29 -11.71 10.42
C ALA B 97 -7.87 -12.92 11.25
N ARG B 98 -8.49 -13.83 10.56
CA ARG B 98 -9.05 -15.08 11.14
C ARG B 98 -7.95 -16.19 11.15
N ALA B 99 -7.98 -17.03 12.15
CA ALA B 99 -7.08 -18.17 12.21
C ALA B 99 -7.75 -19.34 12.94
N ALA B 100 -7.38 -20.55 12.54
CA ALA B 100 -7.84 -21.81 13.18
C ALA B 100 -6.89 -22.97 12.84
N ALA B 101 -7.01 -23.53 11.62
CA ALA B 101 -6.17 -24.68 11.19
C ALA B 101 -4.96 -24.38 10.27
N ALA B 102 -5.15 -23.40 9.40
CA ALA B 102 -4.15 -23.04 8.43
C ALA B 102 -3.26 -21.99 9.11
N GLY B 103 -3.49 -20.78 8.71
CA GLY B 103 -2.78 -19.67 9.22
C GLY B 103 -3.86 -18.63 9.08
N ALA B 104 -3.47 -17.43 8.69
CA ALA B 104 -4.41 -16.37 8.57
C ALA B 104 -4.97 -16.47 7.21
N ASP B 105 -6.14 -17.08 7.04
CA ASP B 105 -6.62 -17.23 5.68
C ASP B 105 -7.41 -16.05 5.11
N TYR B 106 -8.24 -15.41 5.91
CA TYR B 106 -8.95 -14.25 5.41
C TYR B 106 -8.51 -13.10 6.35
N TRP B 107 -8.40 -11.95 5.74
CA TRP B 107 -7.92 -10.73 6.40
C TRP B 107 -8.89 -9.58 6.15
N GLY B 108 -8.97 -8.64 7.08
CA GLY B 108 -9.78 -7.48 6.78
C GLY B 108 -8.99 -6.64 5.80
N GLN B 109 -9.60 -5.51 5.35
CA GLN B 109 -8.99 -4.67 4.36
C GLN B 109 -7.97 -3.71 4.97
N GLY B 110 -7.89 -3.71 6.31
CA GLY B 110 -6.92 -2.82 6.98
C GLY B 110 -7.60 -1.48 7.31
N THR B 111 -7.19 -0.86 8.42
CA THR B 111 -7.76 0.43 8.85
C THR B 111 -6.53 1.32 9.12
N THR B 112 -6.49 2.50 8.54
CA THR B 112 -5.33 3.37 8.72
C THR B 112 -5.61 4.29 9.95
N LEU B 113 -4.80 4.15 10.99
CA LEU B 113 -5.02 4.96 12.18
C LEU B 113 -3.96 6.03 12.10
N THR B 114 -4.40 7.28 12.33
CA THR B 114 -3.48 8.42 12.34
C THR B 114 -3.71 9.09 13.69
N VAL B 115 -2.63 9.38 14.39
CA VAL B 115 -2.69 10.01 15.70
C VAL B 115 -2.13 11.36 15.50
N SER B 116 -3.00 12.35 15.61
CA SER B 116 -2.60 13.75 15.37
C SER B 116 -3.65 14.67 15.92
N SER B 117 -3.27 15.91 16.20
CA SER B 117 -4.23 16.86 16.68
C SER B 117 -4.80 17.65 15.51
N ALA B 118 -4.30 17.46 14.29
CA ALA B 118 -4.78 18.22 13.14
C ALA B 118 -6.22 17.87 12.81
N LYS B 119 -6.91 18.79 12.13
CA LYS B 119 -8.30 18.49 11.81
C LYS B 119 -8.40 17.72 10.48
N THR B 120 -9.54 17.15 10.31
CA THR B 120 -9.78 16.41 9.14
C THR B 120 -10.08 17.41 8.05
N THR B 121 -9.40 17.23 6.95
CA THR B 121 -9.58 18.07 5.78
C THR B 121 -9.85 17.29 4.49
N PRO B 122 -11.03 17.47 3.85
CA PRO B 122 -11.36 16.77 2.60
C PRO B 122 -10.42 17.24 1.53
N PRO B 123 -10.23 16.44 0.46
CA PRO B 123 -9.35 16.80 -0.64
C PRO B 123 -10.08 17.70 -1.63
N SER B 124 -9.32 18.51 -2.35
CA SER B 124 -9.88 19.30 -3.48
C SER B 124 -9.49 18.41 -4.66
N VAL B 125 -10.43 18.14 -5.57
CA VAL B 125 -10.13 17.28 -6.67
C VAL B 125 -10.19 18.03 -7.97
N TYR B 126 -9.03 18.19 -8.58
CA TYR B 126 -8.88 18.91 -9.84
C TYR B 126 -8.68 17.97 -11.03
N PRO B 127 -9.43 18.19 -12.12
CA PRO B 127 -9.29 17.35 -13.31
C PRO B 127 -8.00 17.74 -14.01
N LEU B 128 -7.36 16.77 -14.67
CA LEU B 128 -6.14 17.05 -15.38
C LEU B 128 -6.36 16.73 -16.86
N ALA B 129 -6.35 17.79 -17.68
CA ALA B 129 -6.53 17.72 -19.13
C ALA B 129 -5.24 18.01 -19.92
N PRO B 130 -5.12 17.47 -21.14
CA PRO B 130 -3.90 17.75 -21.91
C PRO B 130 -4.12 19.00 -22.79
N SER B 138 -2.38 9.08 -30.96
CA SER B 138 -1.69 7.79 -30.68
C SER B 138 -2.04 7.25 -29.30
N MET B 139 -1.77 8.05 -28.28
CA MET B 139 -2.10 7.67 -26.92
C MET B 139 -2.21 8.96 -26.12
N VAL B 140 -3.15 8.99 -25.19
CA VAL B 140 -3.35 10.17 -24.35
C VAL B 140 -3.42 9.78 -22.87
N THR B 141 -2.64 10.50 -22.08
CA THR B 141 -2.52 10.32 -20.63
C THR B 141 -3.29 11.42 -19.82
N LEU B 142 -4.42 11.04 -19.21
CA LEU B 142 -5.27 11.96 -18.42
C LEU B 142 -4.88 11.92 -16.93
N GLY B 143 -5.58 12.69 -16.10
CA GLY B 143 -5.24 12.69 -14.69
C GLY B 143 -6.26 13.22 -13.70
N CYS B 144 -5.89 13.18 -12.43
CA CYS B 144 -6.75 13.65 -11.36
C CYS B 144 -5.76 14.08 -10.27
N LEU B 145 -5.86 15.33 -9.79
CA LEU B 145 -4.94 15.79 -8.77
C LEU B 145 -5.77 15.85 -7.47
N VAL B 146 -5.36 15.14 -6.40
CA VAL B 146 -6.14 15.09 -5.17
C VAL B 146 -5.27 15.78 -4.17
N LYS B 147 -5.59 17.03 -3.93
CA LYS B 147 -4.72 17.88 -3.12
C LYS B 147 -5.20 18.38 -1.79
N GLY B 148 -4.27 18.44 -0.83
CA GLY B 148 -4.55 19.00 0.50
C GLY B 148 -5.59 18.38 1.41
N TYR B 149 -5.44 17.07 1.65
CA TYR B 149 -6.36 16.36 2.49
C TYR B 149 -5.60 15.79 3.68
N PHE B 150 -6.35 15.49 4.71
CA PHE B 150 -5.81 14.88 5.91
C PHE B 150 -6.90 14.25 6.67
N PRO B 151 -6.65 13.02 7.18
CA PRO B 151 -5.49 12.12 7.13
C PRO B 151 -5.66 11.17 5.93
N GLU B 152 -4.70 10.28 5.77
CA GLU B 152 -4.79 9.17 4.81
C GLU B 152 -5.94 8.25 5.26
N PRO B 153 -6.44 7.41 4.39
CA PRO B 153 -6.05 7.30 2.99
C PRO B 153 -7.12 7.99 2.13
N VAL B 154 -6.91 7.89 0.83
CA VAL B 154 -7.85 8.32 -0.17
C VAL B 154 -7.85 7.15 -1.12
N THR B 155 -9.02 6.83 -1.69
CA THR B 155 -9.01 5.83 -2.74
C THR B 155 -9.50 6.50 -4.02
N LEU B 156 -8.94 6.07 -5.15
CA LEU B 156 -9.34 6.55 -6.46
C LEU B 156 -9.75 5.41 -7.40
N THR B 157 -10.89 5.59 -8.07
CA THR B 157 -11.53 4.69 -9.04
C THR B 157 -11.82 5.56 -10.30
N TRP B 158 -11.96 4.93 -11.47
CA TRP B 158 -12.28 5.64 -12.72
C TRP B 158 -13.54 4.95 -13.28
N ASN B 159 -14.58 5.74 -13.57
CA ASN B 159 -15.82 5.19 -14.06
C ASN B 159 -16.35 4.09 -13.12
N SER B 160 -16.50 4.45 -11.85
CA SER B 160 -17.02 3.58 -10.79
C SER B 160 -16.54 2.13 -10.69
N GLY B 161 -15.42 1.83 -11.31
CA GLY B 161 -14.90 0.46 -11.26
C GLY B 161 -14.78 -0.08 -12.68
N SER B 162 -15.68 0.43 -13.53
CA SER B 162 -15.75 0.02 -14.93
C SER B 162 -14.43 0.25 -15.65
N LEU B 163 -13.65 1.19 -15.18
CA LEU B 163 -12.38 1.43 -15.86
C LEU B 163 -11.24 1.12 -14.90
N SER B 164 -10.62 -0.05 -15.10
CA SER B 164 -9.52 -0.52 -14.27
C SER B 164 -8.14 -0.64 -14.91
N SER B 165 -8.08 -1.07 -16.17
CA SER B 165 -6.79 -1.20 -16.84
C SER B 165 -6.23 0.14 -17.30
N GLY B 166 -4.91 0.29 -17.28
CA GLY B 166 -4.30 1.55 -17.71
C GLY B 166 -4.28 2.69 -16.68
N VAL B 167 -4.49 2.34 -15.41
CA VAL B 167 -4.50 3.33 -14.36
C VAL B 167 -3.21 3.30 -13.49
N HIS B 168 -2.79 4.47 -13.02
CA HIS B 168 -1.62 4.60 -12.20
C HIS B 168 -2.00 5.56 -11.09
N THR B 169 -2.06 5.08 -9.86
CA THR B 169 -2.39 6.01 -8.80
C THR B 169 -1.17 6.14 -7.95
N PHE B 170 -0.68 7.36 -7.72
CA PHE B 170 0.52 7.52 -6.89
C PHE B 170 0.39 7.65 -5.38
N PRO B 171 1.41 7.19 -4.66
CA PRO B 171 1.26 7.35 -3.22
C PRO B 171 1.30 8.82 -2.90
N ALA B 172 0.65 9.18 -1.82
CA ALA B 172 0.56 10.57 -1.40
C ALA B 172 1.90 11.04 -0.84
N VAL B 173 2.10 12.34 -0.90
CA VAL B 173 3.27 12.96 -0.32
C VAL B 173 2.74 13.99 0.70
N LEU B 174 3.36 14.04 1.87
CA LEU B 174 2.92 15.01 2.88
C LEU B 174 3.72 16.31 2.79
N GLN B 175 3.08 17.42 3.11
CA GLN B 175 3.76 18.70 3.05
C GLN B 175 2.91 19.73 3.74
N SER B 176 3.55 20.47 4.65
CA SER B 176 2.84 21.51 5.40
C SER B 176 1.63 20.87 6.07
N ASP B 177 1.83 19.65 6.55
CA ASP B 177 0.83 18.89 7.28
C ASP B 177 -0.42 18.40 6.49
N LEU B 178 -0.40 18.48 5.15
CA LEU B 178 -1.49 17.96 4.32
C LEU B 178 -0.92 17.05 3.23
N TYR B 179 -1.70 16.04 2.81
CA TYR B 179 -1.26 15.13 1.80
C TYR B 179 -1.76 15.51 0.42
N THR B 180 -0.99 15.09 -0.58
CA THR B 180 -1.39 15.30 -1.95
C THR B 180 -1.06 14.09 -2.78
N LEU B 181 -1.98 13.68 -3.63
CA LEU B 181 -1.73 12.50 -4.44
C LEU B 181 -2.23 12.72 -5.84
N SER B 182 -1.73 11.92 -6.76
CA SER B 182 -2.14 12.03 -8.12
C SER B 182 -2.51 10.69 -8.72
N SER B 183 -3.39 10.69 -9.70
CA SER B 183 -3.75 9.47 -10.39
C SER B 183 -3.76 9.75 -11.90
N SER B 184 -3.25 8.82 -12.70
CA SER B 184 -3.26 9.04 -14.15
C SER B 184 -3.91 7.85 -14.78
N VAL B 185 -4.45 8.05 -15.99
CA VAL B 185 -5.14 6.98 -16.68
C VAL B 185 -5.00 7.12 -18.18
N THR B 186 -4.05 6.37 -18.75
CA THR B 186 -3.82 6.41 -20.19
C THR B 186 -4.87 5.57 -20.90
N VAL B 187 -5.82 6.22 -21.58
CA VAL B 187 -6.89 5.55 -22.35
C VAL B 187 -6.79 5.98 -23.83
N THR B 188 -7.45 5.24 -24.71
CA THR B 188 -7.44 5.51 -26.14
C THR B 188 -8.11 6.83 -26.54
N SER B 189 -7.70 7.37 -27.69
CA SER B 189 -8.22 8.64 -28.24
C SER B 189 -9.67 8.55 -28.75
N SER B 190 -10.04 7.39 -29.27
CA SER B 190 -11.38 7.14 -29.77
C SER B 190 -12.40 7.27 -28.65
N PRO B 191 -11.96 7.12 -27.36
CA PRO B 191 -12.83 7.23 -26.18
C PRO B 191 -13.19 8.65 -25.71
N ARG B 192 -12.19 9.49 -25.49
CA ARG B 192 -12.45 10.86 -25.05
C ARG B 192 -12.57 11.78 -26.27
N PRO B 193 -13.64 12.57 -26.35
CA PRO B 193 -14.68 12.58 -25.32
C PRO B 193 -15.97 11.79 -25.53
N SER B 194 -16.15 11.15 -26.70
CA SER B 194 -17.37 10.38 -26.96
C SER B 194 -17.95 9.70 -25.71
N GLU B 195 -17.16 8.82 -25.10
CA GLU B 195 -17.57 8.07 -23.90
C GLU B 195 -17.10 8.74 -22.60
N THR B 196 -18.06 9.27 -21.86
CA THR B 196 -17.80 9.95 -20.61
C THR B 196 -16.83 9.19 -19.70
N VAL B 197 -16.00 9.93 -18.98
CA VAL B 197 -15.02 9.39 -18.05
C VAL B 197 -15.04 10.25 -16.80
N THR B 198 -14.77 9.66 -15.65
CA THR B 198 -14.82 10.42 -14.42
C THR B 198 -13.86 9.81 -13.38
N CYS B 199 -13.31 10.67 -12.53
CA CYS B 199 -12.41 10.33 -11.42
C CYS B 199 -13.36 10.24 -10.23
N ASN B 200 -13.33 9.15 -9.47
CA ASN B 200 -14.21 9.04 -8.33
C ASN B 200 -13.25 8.95 -7.13
N VAL B 201 -13.31 9.94 -6.24
CA VAL B 201 -12.39 9.98 -5.09
C VAL B 201 -13.13 9.83 -3.81
N ALA B 202 -12.55 9.03 -2.91
CA ALA B 202 -13.18 8.84 -1.62
C ALA B 202 -12.12 9.12 -0.53
N HIS B 203 -12.58 9.78 0.48
CA HIS B 203 -11.75 10.17 1.62
C HIS B 203 -12.52 9.73 2.83
N PRO B 204 -12.28 8.48 3.22
CA PRO B 204 -12.96 7.84 4.35
C PRO B 204 -13.02 8.60 5.62
N ALA B 205 -11.91 9.22 6.00
CA ALA B 205 -11.90 9.88 7.29
C ALA B 205 -12.89 11.03 7.34
N SER B 206 -13.21 11.67 6.21
CA SER B 206 -14.18 12.73 6.32
C SER B 206 -15.54 12.32 5.75
N SER B 207 -15.66 11.07 5.35
CA SER B 207 -16.89 10.51 4.76
C SER B 207 -17.30 11.25 3.49
N THR B 208 -16.31 11.63 2.71
CA THR B 208 -16.49 12.41 1.48
C THR B 208 -16.19 11.60 0.22
N LYS B 209 -17.02 11.78 -0.82
CA LYS B 209 -16.81 11.19 -2.09
C LYS B 209 -16.96 12.33 -3.13
N VAL B 210 -16.05 12.41 -4.07
CA VAL B 210 -16.06 13.42 -5.16
C VAL B 210 -15.95 12.76 -6.55
N ASP B 211 -16.74 13.24 -7.52
CA ASP B 211 -16.66 12.70 -8.90
C ASP B 211 -16.22 13.83 -9.79
N LYS B 212 -15.05 13.73 -10.40
CA LYS B 212 -14.66 14.79 -11.30
C LYS B 212 -14.65 14.26 -12.74
N LYS B 213 -15.59 14.68 -13.59
CA LYS B 213 -15.44 14.19 -14.95
C LYS B 213 -14.32 15.02 -15.60
N ILE B 214 -13.56 14.42 -16.53
CA ILE B 214 -12.46 15.14 -17.18
C ILE B 214 -12.98 16.39 -17.89
N VAL B 215 -12.13 17.03 -18.70
CA VAL B 215 -12.55 18.29 -19.33
C VAL B 215 -13.59 18.30 -20.46
#